data_5HZ7
#
_entry.id   5HZ7
#
_cell.length_a   63.570
_cell.length_b   68.440
_cell.length_c   109.580
_cell.angle_alpha   90.00
_cell.angle_beta   90.00
_cell.angle_gamma   90.00
#
_symmetry.space_group_name_H-M   'P 21 21 21'
#
loop_
_entity.id
_entity.type
_entity.pdbx_description
1 polymer ComP
2 branched alpha-D-glucopyranose-(1-4)-alpha-D-glucopyranose-(1-4)-alpha-D-glucopyranose
3 non-polymer 1,2-ETHANEDIOL
4 non-polymer beta-D-glucopyranose
5 non-polymer 'SODIUM ION'
6 water water
#
_entity_poly.entity_id   1
_entity_poly.type   'polypeptide(L)'
_entity_poly.pdbx_seq_one_letter_code
;MKIEEGKLVIWINGDKGYNGLAEVGKKFEKDTGIKVTVEHPDKLEEKFPQVAATGDGPDIIFWAHDRFGGYAQSGLLAEI
TPAAAFQDKLYPFTWDAVRYNGKLIAYPIAVEALSLIYNKDLLPNPPKTWEEIPALDKELKAKGKSALMFNLQEPYFTWP
LIAADGGYAFKYAAGKYDIKDVGVDNAGAKAGLTFLVDLIKNKHMNADTDYSIAEAAFNKGETAMTINGPWAWSNIDTSA
VNYGVTVLPTFKGQPSKPFVGVLSAGINAASPNKELAKEFLENYLLTDEGLEAVNKDKPLGAVALKSYEEELAKDPRIAA
TMENAQKGEIMPNIPQMSAFWYAVRTAVINAASGRQTVDAALAAAQTNAAAASEFEKAKINAVRAALLENAHFMEKFYLQ
NGRFKQTSTKWPSLPIKEAEGFCIRLNGIARGALDSKFMLKAVAIDKDKNPFIIKMNENLVTFICKKSASSCSDGLDYFK
GNDKDCKLFK
;
_entity_poly.pdbx_strand_id   A
#
# COMPACT_ATOMS: atom_id res chain seq x y z
N MET A 1 14.32 14.67 16.82
CA MET A 1 13.28 13.61 17.02
C MET A 1 11.91 14.14 16.61
N LYS A 2 11.50 15.25 17.21
CA LYS A 2 10.18 15.80 16.96
C LYS A 2 10.18 16.63 15.68
N ILE A 3 9.01 16.66 15.03
CA ILE A 3 8.84 17.47 13.83
C ILE A 3 8.88 18.95 14.21
N GLU A 4 9.60 19.73 13.41
CA GLU A 4 9.80 21.14 13.73
C GLU A 4 8.56 21.96 13.39
N GLU A 5 8.12 22.77 14.34
CA GLU A 5 7.01 23.68 14.12
C GLU A 5 7.46 24.88 13.28
N GLY A 6 6.60 25.30 12.35
CA GLY A 6 6.88 26.47 11.56
C GLY A 6 7.57 26.21 10.24
N LYS A 7 7.56 24.96 9.78
CA LYS A 7 8.17 24.56 8.52
C LYS A 7 7.38 23.36 8.02
N LEU A 8 7.51 23.06 6.73
CA LEU A 8 6.94 21.85 6.15
C LEU A 8 8.04 21.01 5.53
N VAL A 9 8.12 19.75 5.97
CA VAL A 9 9.01 18.76 5.36
C VAL A 9 8.12 17.79 4.60
N ILE A 10 8.45 17.56 3.33
CA ILE A 10 7.67 16.72 2.43
C ILE A 10 8.54 15.58 1.93
N TRP A 11 7.99 14.37 1.92
CA TRP A 11 8.63 13.21 1.31
C TRP A 11 7.84 12.81 0.07
N ILE A 12 8.56 12.59 -1.03
CA ILE A 12 7.96 12.13 -2.28
C ILE A 12 8.99 11.25 -2.98
N ASN A 13 8.51 10.28 -3.74
CA ASN A 13 9.39 9.28 -4.32
C ASN A 13 10.27 9.88 -5.41
N GLY A 14 11.46 9.29 -5.57
CA GLY A 14 12.46 9.82 -6.46
C GLY A 14 12.13 9.71 -7.93
N ASP A 15 11.08 8.96 -8.30
CA ASP A 15 10.64 8.94 -9.68
C ASP A 15 9.60 10.01 -10.01
N LYS A 16 9.21 10.84 -9.04
CA LYS A 16 8.23 11.89 -9.27
C LYS A 16 8.91 13.26 -9.42
N GLY A 17 8.11 14.26 -9.77
CA GLY A 17 8.63 15.59 -10.04
C GLY A 17 8.95 16.40 -8.78
N TYR A 18 9.94 15.95 -8.02
CA TYR A 18 10.21 16.59 -6.73
C TYR A 18 10.81 17.99 -6.88
N ASN A 19 11.51 18.26 -7.98
CA ASN A 19 12.01 19.62 -8.19
C ASN A 19 10.87 20.58 -8.54
N GLY A 20 9.91 20.11 -9.32
CA GLY A 20 8.71 20.91 -9.55
C GLY A 20 7.93 21.16 -8.27
N LEU A 21 7.81 20.13 -7.43
CA LEU A 21 7.13 20.32 -6.15
C LEU A 21 7.86 21.34 -5.29
N ALA A 22 9.20 21.32 -5.30
CA ALA A 22 9.95 22.32 -4.55
C ALA A 22 9.68 23.73 -5.06
N GLU A 23 9.39 23.88 -6.36
CA GLU A 23 9.01 25.20 -6.87
C GLU A 23 7.69 25.67 -6.25
N VAL A 24 6.74 24.75 -6.06
CA VAL A 24 5.52 25.09 -5.35
C VAL A 24 5.85 25.50 -3.91
N GLY A 25 6.78 24.78 -3.28
CA GLY A 25 7.19 25.14 -1.93
C GLY A 25 7.84 26.52 -1.88
N LYS A 26 8.59 26.88 -2.92
CA LYS A 26 9.18 28.21 -2.97
C LYS A 26 8.11 29.29 -3.01
N LYS A 27 7.05 29.09 -3.81
CA LYS A 27 5.97 30.05 -3.83
C LYS A 27 5.26 30.12 -2.48
N PHE A 28 5.07 28.98 -1.83
CA PHE A 28 4.45 28.97 -0.51
C PHE A 28 5.26 29.79 0.48
N GLU A 29 6.59 29.64 0.45
CA GLU A 29 7.44 30.39 1.37
C GLU A 29 7.41 31.89 1.07
N LYS A 30 7.38 32.26 -0.21
CA LYS A 30 7.29 33.67 -0.56
C LYS A 30 6.02 34.29 0.04
N ASP A 31 4.91 33.55 0.01
CA ASP A 31 3.63 34.11 0.44
C ASP A 31 3.45 34.08 1.96
N THR A 32 4.03 33.09 2.64
CA THR A 32 3.72 32.81 4.03
C THR A 32 4.91 32.94 4.97
N GLY A 33 6.14 32.97 4.45
CA GLY A 33 7.32 32.91 5.28
C GLY A 33 7.68 31.51 5.73
N ILE A 34 6.90 30.49 5.36
CA ILE A 34 7.11 29.12 5.82
C ILE A 34 7.98 28.40 4.80
N LYS A 35 9.12 27.92 5.24
CA LYS A 35 10.00 27.17 4.35
C LYS A 35 9.47 25.76 4.15
N VAL A 36 9.61 25.27 2.92
CA VAL A 36 9.17 23.93 2.55
C VAL A 36 10.39 23.16 2.08
N THR A 37 10.67 22.03 2.73
CA THR A 37 11.76 21.16 2.36
C THR A 37 11.19 19.88 1.76
N VAL A 38 11.52 19.65 0.49
CA VAL A 38 11.11 18.45 -0.24
C VAL A 38 12.30 17.50 -0.24
N GLU A 39 12.06 16.28 0.21
CA GLU A 39 13.06 15.23 0.25
C GLU A 39 12.52 14.01 -0.50
N HIS A 40 13.43 13.21 -1.06
CA HIS A 40 13.06 11.99 -1.77
C HIS A 40 13.89 10.80 -1.26
N PRO A 41 13.75 10.46 0.02
CA PRO A 41 14.54 9.36 0.57
C PRO A 41 14.20 8.03 -0.09
N ASP A 42 15.21 7.17 -0.21
CA ASP A 42 14.97 5.80 -0.64
CA ASP A 42 14.95 5.81 -0.66
C ASP A 42 14.08 5.08 0.36
N LYS A 43 13.22 4.20 -0.14
CA LYS A 43 12.36 3.38 0.71
C LYS A 43 11.52 4.22 1.64
N LEU A 44 11.07 5.39 1.17
CA LEU A 44 10.36 6.31 2.04
C LEU A 44 9.06 5.69 2.56
N GLU A 45 8.45 4.80 1.77
CA GLU A 45 7.19 4.20 2.16
C GLU A 45 7.36 3.17 3.27
N GLU A 46 8.57 2.62 3.42
CA GLU A 46 8.90 1.78 4.56
C GLU A 46 9.44 2.58 5.74
N LYS A 47 10.17 3.66 5.47
CA LYS A 47 10.70 4.49 6.55
C LYS A 47 9.60 5.24 7.28
N PHE A 48 8.57 5.68 6.55
CA PHE A 48 7.53 6.51 7.17
C PHE A 48 6.89 5.85 8.38
N PRO A 49 6.39 4.62 8.30
CA PRO A 49 5.76 4.02 9.49
C PRO A 49 6.75 3.74 10.61
N GLN A 50 8.03 3.60 10.29
CA GLN A 50 9.04 3.42 11.33
C GLN A 50 9.23 4.71 12.13
N VAL A 51 9.43 5.83 11.43
CA VAL A 51 9.74 7.09 12.12
C VAL A 51 8.48 7.78 12.60
N ALA A 52 7.38 7.68 11.85
CA ALA A 52 6.14 8.32 12.28
C ALA A 52 5.54 7.67 13.51
N ALA A 53 5.86 6.39 13.76
CA ALA A 53 5.37 5.73 14.96
C ALA A 53 5.91 6.41 16.22
N THR A 54 7.06 7.07 16.11
CA THR A 54 7.69 7.72 17.26
C THR A 54 7.39 9.22 17.33
N GLY A 55 6.55 9.73 16.44
CA GLY A 55 6.29 11.15 16.36
C GLY A 55 7.24 11.91 15.46
N ASP A 56 8.05 11.21 14.68
CA ASP A 56 9.02 11.79 13.77
C ASP A 56 8.48 11.71 12.35
N GLY A 57 9.34 11.96 11.36
CA GLY A 57 8.95 11.88 9.98
C GLY A 57 8.60 13.22 9.37
N PRO A 58 8.16 13.19 8.12
CA PRO A 58 7.78 14.43 7.43
C PRO A 58 6.41 14.91 7.87
N ASP A 59 6.12 16.17 7.57
CA ASP A 59 4.76 16.67 7.75
C ASP A 59 3.82 16.06 6.72
N ILE A 60 4.30 15.86 5.50
CA ILE A 60 3.47 15.39 4.39
C ILE A 60 4.21 14.25 3.71
N ILE A 61 3.49 13.17 3.42
CA ILE A 61 4.05 12.01 2.74
C ILE A 61 3.25 11.75 1.47
N PHE A 62 3.97 11.61 0.35
CA PHE A 62 3.38 11.24 -0.93
C PHE A 62 3.67 9.79 -1.26
N TRP A 63 2.65 9.06 -1.71
CA TRP A 63 2.79 7.73 -2.26
C TRP A 63 1.48 7.40 -2.96
N ALA A 64 1.46 6.34 -3.74
CA ALA A 64 0.17 5.85 -4.23
C ALA A 64 -0.69 5.43 -3.06
N HIS A 65 -2.01 5.49 -3.26
CA HIS A 65 -2.96 5.35 -2.17
C HIS A 65 -2.95 3.97 -1.54
N ASP A 66 -2.36 2.96 -2.20
CA ASP A 66 -2.43 1.61 -1.67
C ASP A 66 -1.71 1.46 -0.34
N ARG A 67 -0.75 2.33 -0.04
CA ARG A 67 -0.04 2.27 1.23
C ARG A 67 -0.79 2.93 2.39
N PHE A 68 -1.85 3.70 2.10
CA PHE A 68 -2.35 4.63 3.11
C PHE A 68 -3.25 3.97 4.15
N GLY A 69 -3.99 2.93 3.80
CA GLY A 69 -4.77 2.24 4.82
C GLY A 69 -3.91 1.68 5.94
N GLY A 70 -2.75 1.12 5.58
CA GLY A 70 -1.82 0.66 6.60
C GLY A 70 -1.32 1.78 7.49
N TYR A 71 -1.01 2.93 6.91
CA TYR A 71 -0.58 4.07 7.72
C TYR A 71 -1.71 4.51 8.66
N ALA A 72 -2.94 4.51 8.16
CA ALA A 72 -4.07 4.91 9.01
C ALA A 72 -4.31 3.90 10.12
N GLN A 73 -4.19 2.61 9.82
CA GLN A 73 -4.34 1.59 10.85
C GLN A 73 -3.36 1.80 11.99
N SER A 74 -2.15 2.28 11.67
CA SER A 74 -1.11 2.55 12.65
C SER A 74 -1.25 3.93 13.29
N GLY A 75 -2.31 4.67 12.99
CA GLY A 75 -2.55 5.96 13.61
C GLY A 75 -1.60 7.05 13.17
N LEU A 76 -1.07 6.95 11.95
CA LEU A 76 -0.01 7.84 11.51
C LEU A 76 -0.51 9.02 10.68
N LEU A 77 -1.79 9.08 10.33
CA LEU A 77 -2.30 10.09 9.42
C LEU A 77 -3.40 10.92 10.06
N ALA A 78 -3.35 12.23 9.80
CA ALA A 78 -4.44 13.13 10.18
C ALA A 78 -5.63 12.95 9.26
N GLU A 79 -6.83 13.08 9.80
CA GLU A 79 -8.02 13.06 8.95
C GLU A 79 -8.06 14.33 8.09
N ILE A 80 -8.44 14.14 6.83
CA ILE A 80 -8.55 15.22 5.85
C ILE A 80 -10.02 15.63 5.76
N THR A 81 -10.30 16.92 5.90
CA THR A 81 -11.67 17.45 5.94
C THR A 81 -11.78 18.66 5.04
N PRO A 82 -11.83 18.45 3.73
CA PRO A 82 -11.98 19.59 2.82
C PRO A 82 -13.40 20.14 2.85
N ALA A 83 -13.53 21.44 2.61
CA ALA A 83 -14.83 22.03 2.39
C ALA A 83 -15.46 21.42 1.13
N ALA A 84 -16.79 21.49 1.07
CA ALA A 84 -17.50 20.88 -0.04
C ALA A 84 -17.05 21.47 -1.38
N ALA A 85 -16.85 22.79 -1.42
CA ALA A 85 -16.45 23.43 -2.67
C ALA A 85 -15.10 22.92 -3.14
N PHE A 86 -14.19 22.64 -2.21
CA PHE A 86 -12.89 22.09 -2.62
C PHE A 86 -13.04 20.63 -3.04
N GLN A 87 -13.77 19.85 -2.27
CA GLN A 87 -13.96 18.44 -2.60
C GLN A 87 -14.51 18.27 -4.01
N ASP A 88 -15.47 19.12 -4.41
CA ASP A 88 -16.06 19.01 -5.73
C ASP A 88 -15.09 19.35 -6.86
N LYS A 89 -13.92 19.91 -6.56
CA LYS A 89 -12.94 20.21 -7.60
C LYS A 89 -12.18 18.98 -8.06
N LEU A 90 -12.26 17.87 -7.33
CA LEU A 90 -11.54 16.63 -7.66
C LEU A 90 -12.54 15.52 -7.97
N TYR A 91 -12.11 14.54 -8.75
CA TYR A 91 -13.01 13.48 -9.17
C TYR A 91 -13.41 12.61 -7.98
N PRO A 92 -14.70 12.29 -7.83
CA PRO A 92 -15.11 11.46 -6.68
C PRO A 92 -14.37 10.15 -6.52
N PHE A 93 -14.02 9.47 -7.62
CA PHE A 93 -13.34 8.19 -7.47
C PHE A 93 -11.96 8.36 -6.86
N THR A 94 -11.37 9.56 -6.96
CA THR A 94 -10.05 9.76 -6.36
C THR A 94 -10.17 9.95 -4.85
N TRP A 95 -11.22 10.65 -4.39
CA TRP A 95 -11.52 10.70 -2.97
C TRP A 95 -11.82 9.31 -2.42
N ASP A 96 -12.53 8.48 -3.19
N ASP A 96 -12.56 8.50 -3.19
CA ASP A 96 -12.85 7.16 -2.68
CA ASP A 96 -12.87 7.13 -2.79
C ASP A 96 -11.59 6.31 -2.53
C ASP A 96 -11.60 6.33 -2.53
N ALA A 97 -10.58 6.54 -3.36
CA ALA A 97 -9.32 5.82 -3.22
C ALA A 97 -8.63 6.15 -1.90
N VAL A 98 -8.87 7.34 -1.35
CA VAL A 98 -8.22 7.78 -0.11
C VAL A 98 -9.19 7.82 1.05
N ARG A 99 -10.33 7.15 0.94
CA ARG A 99 -11.29 7.05 2.02
C ARG A 99 -11.11 5.72 2.72
N TYR A 100 -10.93 5.75 4.03
CA TYR A 100 -10.62 4.56 4.81
C TYR A 100 -11.49 4.55 6.05
N ASN A 101 -12.33 3.53 6.18
CA ASN A 101 -13.24 3.41 7.32
C ASN A 101 -14.03 4.70 7.52
N GLY A 102 -14.51 5.28 6.41
CA GLY A 102 -15.39 6.43 6.44
C GLY A 102 -14.70 7.79 6.48
N LYS A 103 -13.38 7.82 6.62
CA LYS A 103 -12.65 9.08 6.76
C LYS A 103 -11.69 9.25 5.59
N LEU A 104 -11.56 10.48 5.11
CA LEU A 104 -10.53 10.80 4.13
C LEU A 104 -9.19 10.89 4.84
N ILE A 105 -8.19 10.20 4.31
CA ILE A 105 -6.89 10.08 4.98
C ILE A 105 -5.75 10.62 4.13
N ALA A 106 -6.06 11.25 3.00
CA ALA A 106 -5.06 11.89 2.16
C ALA A 106 -5.77 12.76 1.14
N TYR A 107 -5.00 13.61 0.47
CA TYR A 107 -5.47 14.35 -0.70
C TYR A 107 -5.06 13.60 -1.95
N PRO A 108 -5.98 13.29 -2.86
CA PRO A 108 -5.57 12.72 -4.14
C PRO A 108 -4.94 13.75 -5.04
N ILE A 109 -3.92 13.34 -5.79
CA ILE A 109 -3.16 14.22 -6.66
C ILE A 109 -3.30 13.81 -8.13
N ALA A 110 -2.98 12.56 -8.45
CA ALA A 110 -2.92 12.14 -9.85
C ALA A 110 -3.28 10.67 -9.96
N VAL A 111 -3.77 10.30 -11.14
CA VAL A 111 -4.21 8.94 -11.43
C VAL A 111 -3.22 8.31 -12.39
N GLU A 112 -2.65 7.18 -11.99
CA GLU A 112 -1.55 6.53 -12.68
C GLU A 112 -1.99 5.17 -13.20
N ALA A 113 -1.65 4.88 -14.46
CA ALA A 113 -1.75 3.53 -14.98
C ALA A 113 -0.59 3.30 -15.93
N LEU A 114 -0.13 2.06 -15.99
CA LEU A 114 0.91 1.67 -16.92
C LEU A 114 0.36 1.60 -18.33
N SER A 115 1.21 1.92 -19.30
CA SER A 115 0.89 1.76 -20.71
C SER A 115 2.05 1.06 -21.39
N LEU A 116 1.78 0.61 -22.61
CA LEU A 116 2.81 0.09 -23.49
C LEU A 116 3.43 1.27 -24.24
N ILE A 117 4.75 1.41 -24.14
CA ILE A 117 5.48 2.49 -24.79
C ILE A 117 6.35 1.85 -25.88
N TYR A 118 6.30 2.40 -27.09
CA TYR A 118 6.94 1.76 -28.23
C TYR A 118 7.70 2.77 -29.08
N ASN A 119 8.76 2.26 -29.72
CA ASN A 119 9.62 3.06 -30.59
C ASN A 119 9.04 3.02 -31.99
N LYS A 120 8.57 4.18 -32.47
CA LYS A 120 7.85 4.21 -33.75
C LYS A 120 8.75 3.91 -34.94
N ASP A 121 10.05 4.17 -34.83
CA ASP A 121 10.94 3.86 -35.95
C ASP A 121 11.22 2.37 -36.05
N LEU A 122 11.38 1.69 -34.90
CA LEU A 122 11.56 0.24 -34.95
C LEU A 122 10.24 -0.48 -35.16
N LEU A 123 9.14 0.08 -34.68
CA LEU A 123 7.88 -0.67 -34.57
C LEU A 123 6.71 0.28 -34.79
N PRO A 124 6.44 0.66 -36.04
CA PRO A 124 5.32 1.58 -36.30
C PRO A 124 3.96 1.01 -35.95
N ASN A 125 3.79 -0.31 -35.97
CA ASN A 125 2.52 -0.96 -35.65
C ASN A 125 2.76 -1.96 -34.51
N PRO A 126 2.73 -1.50 -33.26
CA PRO A 126 3.06 -2.39 -32.14
C PRO A 126 2.01 -3.48 -31.98
N PRO A 127 2.37 -4.59 -31.33
CA PRO A 127 1.45 -5.72 -31.23
C PRO A 127 0.26 -5.43 -30.33
N LYS A 128 -0.88 -5.99 -30.70
CA LYS A 128 -2.08 -5.94 -29.88
C LYS A 128 -2.15 -7.06 -28.84
N THR A 129 -1.35 -8.12 -29.00
CA THR A 129 -1.41 -9.28 -28.10
C THR A 129 -0.03 -9.60 -27.55
N TRP A 130 -0.01 -10.11 -26.31
CA TRP A 130 1.23 -10.65 -25.75
C TRP A 130 1.71 -11.82 -26.57
N GLU A 131 0.77 -12.57 -27.16
CA GLU A 131 1.09 -13.82 -27.81
C GLU A 131 2.02 -13.62 -29.01
N GLU A 132 1.99 -12.44 -29.64
CA GLU A 132 2.83 -12.22 -30.80
C GLU A 132 4.20 -11.65 -30.44
N ILE A 133 4.49 -11.40 -29.16
CA ILE A 133 5.79 -10.86 -28.78
C ILE A 133 6.94 -11.81 -29.08
N PRO A 134 6.84 -13.12 -28.83
CA PRO A 134 7.96 -14.01 -29.17
C PRO A 134 8.39 -13.93 -30.63
N ALA A 135 7.44 -14.00 -31.56
CA ALA A 135 7.79 -13.89 -32.97
C ALA A 135 8.41 -12.53 -33.26
N LEU A 136 7.86 -11.45 -32.71
CA LEU A 136 8.40 -10.12 -32.96
C LEU A 136 9.83 -10.01 -32.44
N ASP A 137 10.09 -10.59 -31.26
CA ASP A 137 11.44 -10.56 -30.71
C ASP A 137 12.43 -11.29 -31.61
N LYS A 138 12.01 -12.44 -32.17
CA LYS A 138 12.88 -13.17 -33.08
C LYS A 138 13.30 -12.28 -34.24
N GLU A 139 12.35 -11.55 -34.83
CA GLU A 139 12.68 -10.66 -35.94
C GLU A 139 13.64 -9.56 -35.51
N LEU A 140 13.40 -8.99 -34.33
CA LEU A 140 14.24 -7.89 -33.85
C LEU A 140 15.61 -8.38 -33.42
N LYS A 141 15.70 -9.60 -32.86
CA LYS A 141 16.99 -10.17 -32.51
C LYS A 141 17.89 -10.32 -33.73
N ALA A 142 17.31 -10.61 -34.90
CA ALA A 142 18.10 -10.67 -36.13
C ALA A 142 18.65 -9.31 -36.52
N LYS A 143 18.09 -8.24 -35.97
CA LYS A 143 18.54 -6.88 -36.23
C LYS A 143 19.38 -6.31 -35.08
N GLY A 144 19.79 -7.15 -34.14
CA GLY A 144 20.56 -6.68 -32.99
C GLY A 144 19.75 -5.98 -31.92
N LYS A 145 18.43 -6.11 -31.94
CA LYS A 145 17.54 -5.47 -30.98
C LYS A 145 16.77 -6.53 -30.20
N SER A 146 15.79 -6.08 -29.43
CA SER A 146 14.84 -6.97 -28.77
C SER A 146 13.47 -6.33 -28.81
N ALA A 147 12.44 -7.13 -28.54
CA ALA A 147 11.07 -6.64 -28.63
C ALA A 147 10.69 -5.77 -27.43
N LEU A 148 11.02 -6.22 -26.21
CA LEU A 148 10.36 -5.71 -25.02
C LEU A 148 11.28 -5.86 -23.82
N MET A 149 11.44 -4.78 -23.06
CA MET A 149 12.14 -4.83 -21.78
C MET A 149 11.38 -3.96 -20.79
N PHE A 150 11.13 -4.49 -19.61
CA PHE A 150 10.47 -3.74 -18.55
C PHE A 150 10.89 -4.32 -17.21
N ASN A 151 10.59 -3.57 -16.15
CA ASN A 151 11.09 -3.89 -14.81
C ASN A 151 10.45 -5.15 -14.28
N LEU A 152 11.22 -6.24 -14.18
CA LEU A 152 10.72 -7.50 -13.64
C LEU A 152 10.96 -7.65 -12.14
N GLN A 153 11.52 -6.64 -11.48
CA GLN A 153 11.81 -6.72 -10.06
C GLN A 153 10.68 -6.20 -9.20
N GLU A 154 9.72 -5.49 -9.78
CA GLU A 154 8.61 -4.93 -9.03
C GLU A 154 7.29 -5.50 -9.57
N PRO A 155 6.45 -6.10 -8.72
CA PRO A 155 5.24 -6.77 -9.23
C PRO A 155 4.24 -5.84 -9.88
N TYR A 156 4.29 -4.54 -9.58
CA TYR A 156 3.45 -3.55 -10.24
C TYR A 156 3.45 -3.73 -11.76
N PHE A 157 4.60 -4.06 -12.33
CA PHE A 157 4.74 -4.07 -13.79
C PHE A 157 4.27 -5.38 -14.40
N THR A 158 4.32 -6.48 -13.65
N THR A 158 4.33 -6.48 -13.65
CA THR A 158 3.86 -7.76 -14.16
CA THR A 158 3.87 -7.78 -14.14
C THR A 158 2.40 -8.03 -13.82
C THR A 158 2.42 -8.06 -13.79
N TRP A 159 1.86 -7.37 -12.80
CA TRP A 159 0.48 -7.59 -12.42
C TRP A 159 -0.53 -7.45 -13.56
N PRO A 160 -0.40 -6.50 -14.49
CA PRO A 160 -1.43 -6.40 -15.53
C PRO A 160 -1.60 -7.69 -16.34
N LEU A 161 -0.51 -8.44 -16.53
CA LEU A 161 -0.56 -9.72 -17.22
C LEU A 161 -1.12 -10.84 -16.32
N ILE A 162 -0.71 -10.87 -15.05
CA ILE A 162 -1.23 -11.85 -14.10
C ILE A 162 -2.74 -11.71 -13.95
N ALA A 163 -3.23 -10.46 -13.90
CA ALA A 163 -4.66 -10.22 -13.70
C ALA A 163 -5.49 -10.47 -14.95
N ALA A 164 -4.88 -10.45 -16.13
CA ALA A 164 -5.66 -10.43 -17.37
C ALA A 164 -6.63 -11.59 -17.47
N ASP A 165 -6.16 -12.82 -17.20
CA ASP A 165 -6.99 -14.01 -17.35
C ASP A 165 -7.67 -14.45 -16.06
N GLY A 166 -7.59 -13.66 -14.99
CA GLY A 166 -8.37 -13.99 -13.80
C GLY A 166 -7.72 -13.72 -12.46
N GLY A 167 -6.44 -13.34 -12.45
CA GLY A 167 -5.79 -13.02 -11.21
C GLY A 167 -6.44 -11.82 -10.53
N TYR A 168 -6.45 -11.84 -9.20
CA TYR A 168 -6.90 -10.70 -8.42
C TYR A 168 -6.20 -10.73 -7.08
N ALA A 169 -6.21 -9.58 -6.41
CA ALA A 169 -5.61 -9.46 -5.09
C ALA A 169 -6.58 -9.95 -4.02
N PHE A 170 -7.57 -9.12 -3.68
CA PHE A 170 -8.58 -9.47 -2.69
C PHE A 170 -9.95 -9.28 -3.32
N LYS A 171 -10.78 -10.31 -3.26
CA LYS A 171 -12.12 -10.22 -3.81
C LYS A 171 -12.94 -9.21 -3.02
N TYR A 172 -13.65 -8.35 -3.74
CA TYR A 172 -14.58 -7.42 -3.10
C TYR A 172 -15.94 -8.09 -2.98
N ALA A 173 -16.39 -8.30 -1.75
CA ALA A 173 -17.66 -8.98 -1.52
C ALA A 173 -18.28 -8.44 -0.25
N ALA A 174 -19.61 -8.37 -0.24
CA ALA A 174 -20.35 -7.94 0.94
C ALA A 174 -19.85 -6.60 1.47
N GLY A 175 -19.49 -5.71 0.55
CA GLY A 175 -19.14 -4.35 0.89
C GLY A 175 -17.73 -4.14 1.38
N LYS A 176 -16.84 -5.12 1.25
CA LYS A 176 -15.46 -4.93 1.65
C LYS A 176 -14.55 -5.83 0.83
N TYR A 177 -13.28 -5.45 0.77
CA TYR A 177 -12.27 -6.37 0.25
C TYR A 177 -12.07 -7.50 1.26
N ASP A 178 -12.25 -8.73 0.80
CA ASP A 178 -12.21 -9.91 1.65
C ASP A 178 -10.78 -10.43 1.70
N ILE A 179 -10.10 -10.21 2.83
CA ILE A 179 -8.68 -10.59 2.91
C ILE A 179 -8.48 -12.09 3.00
N LYS A 180 -9.56 -12.87 3.14
CA LYS A 180 -9.47 -14.32 3.09
C LYS A 180 -9.69 -14.88 1.70
N ASP A 181 -10.05 -14.05 0.73
CA ASP A 181 -10.31 -14.49 -0.64
C ASP A 181 -9.28 -13.82 -1.53
N VAL A 182 -8.13 -14.51 -1.71
CA VAL A 182 -7.01 -14.00 -2.48
C VAL A 182 -7.00 -14.70 -3.83
N GLY A 183 -6.68 -13.95 -4.88
CA GLY A 183 -6.73 -14.48 -6.25
C GLY A 183 -5.38 -14.60 -6.92
N VAL A 184 -4.35 -14.94 -6.14
CA VAL A 184 -2.99 -14.98 -6.65
C VAL A 184 -2.60 -16.33 -7.26
N ASP A 185 -3.29 -17.41 -6.91
CA ASP A 185 -2.92 -18.74 -7.39
C ASP A 185 -4.07 -19.45 -8.11
N ASN A 186 -5.04 -18.71 -8.62
CA ASN A 186 -6.07 -19.32 -9.44
C ASN A 186 -5.53 -19.57 -10.84
N ALA A 187 -6.35 -20.21 -11.69
CA ALA A 187 -5.89 -20.62 -13.00
C ALA A 187 -5.45 -19.41 -13.84
N GLY A 188 -6.18 -18.30 -13.73
CA GLY A 188 -5.86 -17.15 -14.56
C GLY A 188 -4.53 -16.52 -14.18
N ALA A 189 -4.29 -16.36 -12.88
CA ALA A 189 -3.00 -15.84 -12.41
C ALA A 189 -1.87 -16.74 -12.90
N LYS A 190 -2.04 -18.06 -12.77
CA LYS A 190 -1.01 -18.99 -13.20
C LYS A 190 -0.76 -18.89 -14.70
N ALA A 191 -1.83 -18.74 -15.49
CA ALA A 191 -1.66 -18.60 -16.94
C ALA A 191 -0.80 -17.38 -17.25
N GLY A 192 -1.06 -16.25 -16.62
CA GLY A 192 -0.33 -15.04 -16.96
C GLY A 192 1.13 -15.10 -16.55
N LEU A 193 1.41 -15.58 -15.35
CA LEU A 193 2.81 -15.66 -14.93
C LEU A 193 3.54 -16.73 -15.73
N THR A 194 2.85 -17.79 -16.10
CA THR A 194 3.47 -18.81 -16.94
C THR A 194 3.95 -18.19 -18.25
N PHE A 195 3.16 -17.29 -18.82
CA PHE A 195 3.55 -16.69 -20.08
C PHE A 195 4.80 -15.84 -19.91
N LEU A 196 4.85 -15.02 -18.86
CA LEU A 196 6.06 -14.25 -18.56
C LEU A 196 7.26 -15.17 -18.39
N VAL A 197 7.09 -16.26 -17.64
CA VAL A 197 8.21 -17.18 -17.45
C VAL A 197 8.62 -17.81 -18.77
N ASP A 198 7.64 -18.15 -19.63
CA ASP A 198 7.98 -18.70 -20.94
C ASP A 198 8.84 -17.72 -21.74
N LEU A 199 8.51 -16.43 -21.70
CA LEU A 199 9.33 -15.44 -22.41
C LEU A 199 10.77 -15.48 -21.92
N ILE A 200 10.97 -15.67 -20.62
CA ILE A 200 12.31 -15.67 -20.06
C ILE A 200 13.05 -16.95 -20.43
N LYS A 201 12.37 -18.10 -20.27
CA LYS A 201 12.96 -19.36 -20.67
C LYS A 201 13.46 -19.30 -22.11
N ASN A 202 12.67 -18.69 -23.00
CA ASN A 202 12.98 -18.65 -24.42
C ASN A 202 13.86 -17.46 -24.79
N LYS A 203 14.44 -16.77 -23.81
CA LYS A 203 15.43 -15.72 -24.04
C LYS A 203 14.83 -14.50 -24.73
N HIS A 204 13.52 -14.29 -24.59
CA HIS A 204 12.89 -13.06 -25.05
C HIS A 204 12.92 -11.98 -23.98
N MET A 205 13.14 -12.37 -22.73
CA MET A 205 13.39 -11.43 -21.65
C MET A 205 14.38 -12.06 -20.69
N ASN A 206 15.04 -11.22 -19.90
CA ASN A 206 16.02 -11.66 -18.92
C ASN A 206 15.48 -11.36 -17.52
N ALA A 207 15.50 -12.36 -16.65
CA ALA A 207 14.89 -12.24 -15.34
C ALA A 207 15.50 -11.13 -14.50
N ASP A 208 16.73 -10.73 -14.79
CA ASP A 208 17.41 -9.72 -13.98
C ASP A 208 17.07 -8.29 -14.37
N THR A 209 16.25 -8.10 -15.41
CA THR A 209 15.98 -6.76 -15.90
C THR A 209 15.24 -5.95 -14.84
N ASP A 210 15.74 -4.73 -14.58
CA ASP A 210 15.15 -3.86 -13.57
C ASP A 210 14.75 -2.53 -14.23
N TYR A 211 14.35 -1.55 -13.40
CA TYR A 211 13.87 -0.29 -13.94
C TYR A 211 14.93 0.40 -14.78
N SER A 212 16.15 0.54 -14.24
CA SER A 212 17.18 1.30 -14.95
C SER A 212 17.64 0.58 -16.21
N ILE A 213 17.77 -0.75 -16.15
CA ILE A 213 18.16 -1.53 -17.33
C ILE A 213 17.16 -1.35 -18.45
N ALA A 214 15.86 -1.49 -18.13
CA ALA A 214 14.84 -1.41 -19.16
C ALA A 214 14.72 0.02 -19.70
N GLU A 215 14.86 1.02 -18.82
CA GLU A 215 14.77 2.41 -19.25
C GLU A 215 15.93 2.76 -20.19
N ALA A 216 17.14 2.34 -19.86
CA ALA A 216 18.28 2.65 -20.71
C ALA A 216 18.14 1.98 -22.06
N ALA A 217 17.70 0.71 -22.08
CA ALA A 217 17.57 0.00 -23.35
C ALA A 217 16.54 0.67 -24.24
N PHE A 218 15.39 1.04 -23.68
CA PHE A 218 14.38 1.69 -24.52
C PHE A 218 14.86 3.06 -24.98
N ASN A 219 15.37 3.87 -24.06
CA ASN A 219 15.72 5.24 -24.40
C ASN A 219 16.94 5.33 -25.32
N LYS A 220 17.70 4.24 -25.46
CA LYS A 220 18.84 4.20 -26.37
C LYS A 220 18.50 3.46 -27.67
N GLY A 221 17.25 3.07 -27.86
CA GLY A 221 16.84 2.47 -29.10
C GLY A 221 17.22 1.02 -29.27
N GLU A 222 17.52 0.33 -28.18
CA GLU A 222 17.97 -1.06 -28.22
C GLU A 222 16.82 -2.06 -28.11
N THR A 223 15.70 -1.66 -27.53
CA THR A 223 14.52 -2.51 -27.46
C THR A 223 13.33 -1.71 -28.00
N ALA A 224 12.40 -2.43 -28.64
CA ALA A 224 11.30 -1.78 -29.34
C ALA A 224 10.21 -1.28 -28.42
N MET A 225 10.08 -1.86 -27.23
CA MET A 225 8.95 -1.55 -26.36
C MET A 225 9.38 -1.62 -24.90
N THR A 226 8.63 -0.89 -24.07
CA THR A 226 8.76 -0.99 -22.63
C THR A 226 7.37 -0.79 -22.03
N ILE A 227 7.24 -1.07 -20.74
CA ILE A 227 6.02 -0.84 -19.97
C ILE A 227 6.38 0.10 -18.85
N ASN A 228 5.69 1.23 -18.79
CA ASN A 228 6.02 2.20 -17.75
C ASN A 228 4.89 3.19 -17.62
N GLY A 229 5.01 4.06 -16.63
CA GLY A 229 4.02 5.05 -16.32
C GLY A 229 4.41 6.44 -16.79
N PRO A 230 3.51 7.42 -16.57
CA PRO A 230 3.76 8.77 -17.11
C PRO A 230 5.03 9.43 -16.61
N TRP A 231 5.47 9.11 -15.39
CA TRP A 231 6.69 9.70 -14.84
C TRP A 231 7.90 9.41 -15.73
N ALA A 232 7.84 8.33 -16.51
CA ALA A 232 8.96 7.93 -17.35
C ALA A 232 9.10 8.74 -18.62
N TRP A 233 8.07 9.49 -19.02
CA TRP A 233 8.11 10.13 -20.33
C TRP A 233 9.18 11.22 -20.41
N SER A 234 9.50 11.87 -19.28
N SER A 234 9.51 11.85 -19.27
CA SER A 234 10.47 12.94 -19.30
CA SER A 234 10.47 12.95 -19.29
C SER A 234 11.81 12.47 -19.87
C SER A 234 11.82 12.49 -19.83
N ASN A 235 12.32 11.36 -19.34
CA ASN A 235 13.61 10.87 -19.80
C ASN A 235 13.55 10.41 -21.25
N ILE A 236 12.40 9.91 -21.70
CA ILE A 236 12.29 9.55 -23.11
C ILE A 236 12.33 10.79 -23.99
N ASP A 237 11.70 11.88 -23.55
CA ASP A 237 11.75 13.12 -24.31
C ASP A 237 13.19 13.59 -24.51
N THR A 238 14.04 13.40 -23.51
CA THR A 238 15.43 13.79 -23.64
C THR A 238 16.15 12.94 -24.67
N SER A 239 15.68 11.73 -24.89
CA SER A 239 16.31 10.77 -25.79
C SER A 239 15.97 11.11 -27.25
N ALA A 240 16.59 10.37 -28.17
CA ALA A 240 16.31 10.50 -29.58
C ALA A 240 15.20 9.58 -30.07
N VAL A 241 14.47 8.93 -29.17
CA VAL A 241 13.45 7.96 -29.57
C VAL A 241 12.15 8.70 -29.86
N ASN A 242 11.56 8.41 -31.01
CA ASN A 242 10.21 8.86 -31.32
C ASN A 242 9.25 7.79 -30.82
N TYR A 243 8.58 8.08 -29.71
CA TYR A 243 7.84 7.04 -29.01
C TYR A 243 6.34 7.30 -29.07
N GLY A 244 5.58 6.21 -29.00
CA GLY A 244 4.15 6.28 -28.80
C GLY A 244 3.75 5.59 -27.51
N VAL A 245 2.58 5.96 -26.99
CA VAL A 245 2.03 5.40 -25.77
C VAL A 245 0.67 4.82 -26.13
N THR A 246 0.44 3.56 -25.78
CA THR A 246 -0.74 2.88 -26.29
C THR A 246 -1.26 1.88 -25.27
N VAL A 247 -2.40 1.26 -25.63
CA VAL A 247 -3.00 0.22 -24.81
C VAL A 247 -2.05 -0.97 -24.67
N LEU A 248 -2.05 -1.57 -23.49
CA LEU A 248 -1.23 -2.73 -23.22
C LEU A 248 -1.72 -3.92 -24.07
N PRO A 249 -0.84 -4.88 -24.37
CA PRO A 249 -1.26 -6.04 -25.15
C PRO A 249 -2.29 -6.87 -24.39
N THR A 250 -3.16 -7.54 -25.13
CA THR A 250 -4.09 -8.47 -24.51
C THR A 250 -3.40 -9.81 -24.27
N PHE A 251 -4.00 -10.61 -23.39
CA PHE A 251 -3.52 -11.96 -23.10
C PHE A 251 -4.72 -12.90 -23.10
N LYS A 252 -4.65 -13.98 -23.88
CA LYS A 252 -5.79 -14.87 -24.05
C LYS A 252 -7.05 -14.09 -24.46
N GLY A 253 -6.85 -13.05 -25.25
CA GLY A 253 -7.94 -12.25 -25.76
C GLY A 253 -8.52 -11.24 -24.80
N GLN A 254 -7.97 -11.13 -23.59
CA GLN A 254 -8.52 -10.22 -22.60
C GLN A 254 -7.55 -9.08 -22.33
N PRO A 255 -8.03 -7.89 -21.97
CA PRO A 255 -7.11 -6.78 -21.71
C PRO A 255 -6.20 -7.05 -20.54
N SER A 256 -4.97 -6.53 -20.63
CA SER A 256 -4.14 -6.44 -19.44
C SER A 256 -4.81 -5.45 -18.51
N LYS A 257 -4.77 -5.76 -17.21
CA LYS A 257 -5.54 -5.04 -16.19
C LYS A 257 -4.57 -4.40 -15.20
N PRO A 258 -4.05 -3.22 -15.50
CA PRO A 258 -3.12 -2.60 -14.56
C PRO A 258 -3.85 -2.20 -13.29
N PHE A 259 -3.12 -2.26 -12.18
CA PHE A 259 -3.64 -1.73 -10.93
C PHE A 259 -3.46 -0.21 -10.98
N VAL A 260 -4.56 0.52 -10.82
CA VAL A 260 -4.53 1.97 -10.96
C VAL A 260 -4.20 2.57 -9.60
N GLY A 261 -3.18 3.42 -9.59
CA GLY A 261 -2.74 4.10 -8.37
C GLY A 261 -3.10 5.58 -8.41
N VAL A 262 -3.45 6.11 -7.26
CA VAL A 262 -3.69 7.53 -7.09
C VAL A 262 -2.55 8.06 -6.24
N LEU A 263 -1.64 8.81 -6.86
CA LEU A 263 -0.64 9.52 -6.08
C LEU A 263 -1.38 10.40 -5.10
N SER A 264 -1.03 10.29 -3.83
CA SER A 264 -1.79 10.90 -2.75
C SER A 264 -0.83 11.52 -1.75
N ALA A 265 -1.31 12.54 -1.03
CA ALA A 265 -0.52 13.28 -0.05
C ALA A 265 -1.24 13.22 1.29
N GLY A 266 -0.62 12.54 2.26
CA GLY A 266 -1.15 12.48 3.60
C GLY A 266 -0.40 13.40 4.55
N ILE A 267 -1.08 13.77 5.65
CA ILE A 267 -0.50 14.62 6.67
C ILE A 267 -0.21 13.78 7.90
N ASN A 268 1.04 13.87 8.38
CA ASN A 268 1.47 13.12 9.55
C ASN A 268 0.65 13.51 10.78
N ALA A 269 0.10 12.49 11.45
CA ALA A 269 -0.71 12.74 12.65
C ALA A 269 0.08 13.47 13.71
N ALA A 270 1.41 13.34 13.71
CA ALA A 270 2.25 14.00 14.70
C ALA A 270 2.75 15.37 14.26
N SER A 271 2.35 15.83 13.09
CA SER A 271 2.82 17.13 12.62
C SER A 271 2.23 18.24 13.49
N PRO A 272 3.03 19.20 13.93
CA PRO A 272 2.48 20.42 14.54
C PRO A 272 2.12 21.49 13.52
N ASN A 273 2.13 21.15 12.24
CA ASN A 273 1.91 22.08 11.15
C ASN A 273 0.75 21.65 10.27
N LYS A 274 -0.27 21.01 10.86
CA LYS A 274 -1.33 20.42 10.05
C LYS A 274 -2.09 21.47 9.24
N GLU A 275 -2.35 22.65 9.82
CA GLU A 275 -3.12 23.64 9.08
C GLU A 275 -2.31 24.23 7.94
N LEU A 276 -1.01 24.44 8.16
CA LEU A 276 -0.14 24.86 7.05
C LEU A 276 -0.09 23.79 5.96
N ALA A 277 -0.02 22.53 6.36
CA ALA A 277 0.01 21.46 5.37
C ALA A 277 -1.26 21.45 4.53
N LYS A 278 -2.41 21.64 5.18
N LYS A 278 -2.42 21.61 5.19
N LYS A 278 -2.42 21.62 5.18
CA LYS A 278 -3.66 21.68 4.42
CA LYS A 278 -3.68 21.70 4.47
CA LYS A 278 -3.68 21.69 4.46
C LYS A 278 -3.70 22.87 3.47
C LYS A 278 -3.69 22.86 3.49
C LYS A 278 -3.68 22.86 3.48
N GLU A 279 -3.18 24.01 3.91
CA GLU A 279 -3.16 25.18 3.03
C GLU A 279 -2.21 24.95 1.87
N PHE A 280 -1.06 24.34 2.11
CA PHE A 280 -0.15 24.05 1.01
C PHE A 280 -0.81 23.15 -0.02
N LEU A 281 -1.43 22.06 0.44
CA LEU A 281 -1.97 21.07 -0.48
C LEU A 281 -3.19 21.60 -1.21
N GLU A 282 -4.11 22.24 -0.49
CA GLU A 282 -5.35 22.70 -1.11
C GLU A 282 -5.15 23.94 -1.96
N ASN A 283 -4.35 24.91 -1.49
CA ASN A 283 -4.34 26.22 -2.09
C ASN A 283 -3.11 26.50 -2.94
N TYR A 284 -2.10 25.62 -2.90
CA TYR A 284 -0.91 25.77 -3.72
C TYR A 284 -0.72 24.59 -4.66
N LEU A 285 -0.71 23.36 -4.14
CA LEU A 285 -0.45 22.21 -5.01
C LEU A 285 -1.64 21.90 -5.89
N LEU A 286 -2.83 21.77 -5.29
CA LEU A 286 -4.02 21.34 -6.04
C LEU A 286 -4.69 22.52 -6.75
N THR A 287 -3.89 23.19 -7.57
CA THR A 287 -4.32 24.25 -8.47
C THR A 287 -3.73 23.95 -9.83
N ASP A 288 -4.27 24.57 -10.87
CA ASP A 288 -3.71 24.39 -12.21
C ASP A 288 -2.21 24.69 -12.21
N GLU A 289 -1.81 25.80 -11.59
CA GLU A 289 -0.41 26.21 -11.62
C GLU A 289 0.47 25.28 -10.79
N GLY A 290 -0.05 24.81 -9.65
CA GLY A 290 0.75 23.94 -8.80
C GLY A 290 1.00 22.60 -9.46
N LEU A 291 -0.06 21.96 -9.95
CA LEU A 291 0.10 20.67 -10.62
C LEU A 291 0.96 20.83 -11.88
N GLU A 292 0.81 21.93 -12.59
CA GLU A 292 1.64 22.16 -13.78
C GLU A 292 3.11 22.15 -13.43
N ALA A 293 3.49 22.79 -12.32
CA ALA A 293 4.89 22.86 -11.95
C ALA A 293 5.46 21.47 -11.70
N VAL A 294 4.70 20.61 -11.02
CA VAL A 294 5.14 19.23 -10.83
C VAL A 294 5.14 18.49 -12.15
N ASN A 295 4.09 18.67 -12.95
CA ASN A 295 3.92 17.95 -14.20
C ASN A 295 5.05 18.26 -15.17
N LYS A 296 5.51 19.51 -15.19
CA LYS A 296 6.61 19.91 -16.07
C LYS A 296 7.89 19.19 -15.73
N ASP A 297 8.06 18.82 -14.47
CA ASP A 297 9.26 18.12 -14.02
C ASP A 297 9.19 16.64 -14.42
N LYS A 298 8.15 15.93 -13.94
CA LYS A 298 7.89 14.57 -14.38
C LYS A 298 6.37 14.47 -14.55
N PRO A 299 5.87 14.01 -15.69
CA PRO A 299 4.42 13.98 -15.87
C PRO A 299 3.71 13.18 -14.79
N LEU A 300 2.61 13.75 -14.30
CA LEU A 300 1.82 13.14 -13.23
C LEU A 300 0.88 12.06 -13.74
N GLY A 301 0.57 12.06 -15.04
CA GLY A 301 -0.51 11.26 -15.57
C GLY A 301 -1.78 12.06 -15.64
N ALA A 302 -2.92 11.38 -15.58
CA ALA A 302 -4.16 12.12 -15.37
C ALA A 302 -4.11 12.67 -13.96
N VAL A 303 -4.72 13.84 -13.76
CA VAL A 303 -4.73 14.48 -12.46
C VAL A 303 -6.12 14.41 -11.86
N ALA A 304 -6.16 14.47 -10.52
CA ALA A 304 -7.43 14.42 -9.79
C ALA A 304 -8.20 15.72 -9.90
N LEU A 305 -7.51 16.82 -10.21
CA LEU A 305 -8.13 18.13 -10.29
C LEU A 305 -8.81 18.29 -11.64
N LYS A 306 -10.13 18.45 -11.62
CA LYS A 306 -10.91 18.46 -12.87
C LYS A 306 -10.43 19.54 -13.82
N SER A 307 -10.20 20.76 -13.31
CA SER A 307 -9.88 21.87 -14.21
C SER A 307 -8.61 21.60 -15.02
N TYR A 308 -7.57 21.06 -14.37
CA TYR A 308 -6.33 20.82 -15.09
C TYR A 308 -6.39 19.56 -15.93
N GLU A 309 -7.13 18.55 -15.48
CA GLU A 309 -7.28 17.34 -16.28
C GLU A 309 -7.91 17.65 -17.64
N GLU A 310 -8.76 18.68 -17.72
CA GLU A 310 -9.37 18.99 -19.00
C GLU A 310 -8.33 19.44 -20.02
N GLU A 311 -7.22 20.02 -19.57
CA GLU A 311 -6.11 20.35 -20.47
C GLU A 311 -5.29 19.11 -20.79
N LEU A 312 -4.93 18.34 -19.78
CA LEU A 312 -4.05 17.19 -19.99
C LEU A 312 -4.72 16.12 -20.84
N ALA A 313 -6.05 16.03 -20.81
CA ALA A 313 -6.75 15.00 -21.56
C ALA A 313 -6.55 15.13 -23.05
N LYS A 314 -6.19 16.31 -23.54
CA LYS A 314 -5.95 16.50 -24.97
C LYS A 314 -4.61 15.93 -25.43
N ASP A 315 -3.78 15.48 -24.50
CA ASP A 315 -2.50 14.88 -24.83
C ASP A 315 -2.73 13.40 -25.13
N PRO A 316 -2.40 12.91 -26.34
CA PRO A 316 -2.68 11.50 -26.63
C PRO A 316 -2.05 10.52 -25.66
N ARG A 317 -0.94 10.90 -25.01
CA ARG A 317 -0.32 10.00 -24.05
C ARG A 317 -1.17 9.84 -22.81
N ILE A 318 -1.89 10.91 -22.42
CA ILE A 318 -2.83 10.85 -21.32
C ILE A 318 -4.08 10.08 -21.72
N ALA A 319 -4.55 10.26 -22.95
CA ALA A 319 -5.67 9.46 -23.42
C ALA A 319 -5.34 7.96 -23.35
N ALA A 320 -4.11 7.59 -23.71
CA ALA A 320 -3.71 6.19 -23.63
C ALA A 320 -3.60 5.72 -22.19
N THR A 321 -3.07 6.57 -21.31
CA THR A 321 -3.03 6.25 -19.89
C THR A 321 -4.44 5.95 -19.38
N MET A 322 -5.42 6.77 -19.75
N MET A 322 -5.40 6.80 -19.76
CA MET A 322 -6.76 6.55 -19.25
CA MET A 322 -6.78 6.61 -19.32
C MET A 322 -7.44 5.37 -19.92
C MET A 322 -7.37 5.33 -19.89
N GLU A 323 -7.03 5.00 -21.14
CA GLU A 323 -7.56 3.78 -21.74
C GLU A 323 -7.11 2.56 -20.96
N ASN A 324 -5.83 2.52 -20.57
CA ASN A 324 -5.34 1.42 -19.76
C ASN A 324 -5.95 1.43 -18.36
N ALA A 325 -6.14 2.62 -17.79
CA ALA A 325 -6.78 2.70 -16.47
C ALA A 325 -8.21 2.16 -16.52
N GLN A 326 -8.92 2.42 -17.61
CA GLN A 326 -10.30 1.96 -17.76
C GLN A 326 -10.39 0.44 -17.85
N LYS A 327 -9.31 -0.22 -18.30
CA LYS A 327 -9.28 -1.67 -18.38
C LYS A 327 -8.75 -2.33 -17.13
N GLY A 328 -8.23 -1.54 -16.18
CA GLY A 328 -7.75 -2.07 -14.93
C GLY A 328 -8.76 -1.85 -13.82
N GLU A 329 -8.26 -1.69 -12.60
CA GLU A 329 -9.12 -1.26 -11.52
C GLU A 329 -8.28 -0.63 -10.44
N ILE A 330 -8.96 0.12 -9.57
CA ILE A 330 -8.30 0.87 -8.52
C ILE A 330 -7.70 -0.08 -7.52
N MET A 331 -6.49 0.22 -7.05
CA MET A 331 -5.93 -0.58 -5.98
C MET A 331 -6.78 -0.42 -4.73
N PRO A 332 -6.99 -1.48 -3.96
CA PRO A 332 -7.48 -1.29 -2.60
C PRO A 332 -6.48 -0.48 -1.81
N ASN A 333 -6.95 0.22 -0.79
CA ASN A 333 -6.06 0.96 0.11
C ASN A 333 -5.85 0.23 1.43
N ILE A 334 -6.32 -1.00 1.54
CA ILE A 334 -6.39 -1.66 2.85
C ILE A 334 -5.01 -2.05 3.37
N PRO A 335 -4.85 -2.20 4.68
CA PRO A 335 -3.52 -2.52 5.23
C PRO A 335 -2.88 -3.75 4.62
N GLN A 336 -3.66 -4.74 4.22
CA GLN A 336 -3.12 -5.99 3.72
C GLN A 336 -2.44 -5.85 2.36
N MET A 337 -2.54 -4.69 1.71
CA MET A 337 -1.91 -4.55 0.40
C MET A 337 -0.41 -4.72 0.47
N SER A 338 0.21 -4.35 1.59
CA SER A 338 1.65 -4.55 1.75
C SER A 338 1.99 -6.04 1.67
N ALA A 339 1.28 -6.87 2.43
CA ALA A 339 1.53 -8.30 2.40
C ALA A 339 1.31 -8.87 1.01
N PHE A 340 0.26 -8.39 0.32
CA PHE A 340 0.01 -8.83 -1.04
C PHE A 340 1.20 -8.51 -1.95
N TRP A 341 1.67 -7.27 -1.94
CA TRP A 341 2.74 -6.89 -2.88
C TRP A 341 4.02 -7.63 -2.58
N TYR A 342 4.45 -7.68 -1.32
CA TYR A 342 5.68 -8.39 -0.99
C TYR A 342 5.59 -9.84 -1.43
N ALA A 343 4.41 -10.46 -1.29
CA ALA A 343 4.25 -11.86 -1.66
C ALA A 343 4.38 -12.05 -3.16
N VAL A 344 3.71 -11.19 -3.94
CA VAL A 344 3.78 -11.32 -5.40
C VAL A 344 5.18 -10.99 -5.90
N ARG A 345 5.84 -10.01 -5.28
CA ARG A 345 7.21 -9.69 -5.68
C ARG A 345 8.09 -10.94 -5.63
N THR A 346 8.04 -11.65 -4.51
CA THR A 346 8.87 -12.84 -4.33
C THR A 346 8.49 -13.93 -5.34
N ALA A 347 7.18 -14.11 -5.55
CA ALA A 347 6.72 -15.13 -6.49
C ALA A 347 7.27 -14.89 -7.88
N VAL A 348 7.13 -13.67 -8.39
CA VAL A 348 7.57 -13.38 -9.75
C VAL A 348 9.08 -13.56 -9.88
N ILE A 349 9.85 -13.02 -8.92
CA ILE A 349 11.30 -13.16 -8.97
C ILE A 349 11.69 -14.63 -8.91
N ASN A 350 11.02 -15.40 -8.04
CA ASN A 350 11.39 -16.81 -7.90
C ASN A 350 11.00 -17.62 -9.13
N ALA A 351 9.80 -17.41 -9.67
CA ALA A 351 9.42 -18.12 -10.89
C ALA A 351 10.29 -17.69 -12.06
N ALA A 352 10.61 -16.40 -12.16
CA ALA A 352 11.38 -15.91 -13.29
C ALA A 352 12.82 -16.40 -13.27
N SER A 353 13.38 -16.60 -12.09
CA SER A 353 14.76 -17.10 -12.00
C SER A 353 14.84 -18.61 -12.11
N GLY A 354 13.72 -19.32 -11.99
CA GLY A 354 13.71 -20.76 -11.95
C GLY A 354 13.84 -21.35 -10.57
N ARG A 355 13.96 -20.52 -9.54
CA ARG A 355 14.10 -21.04 -8.17
C ARG A 355 12.88 -21.85 -7.77
N GLN A 356 11.70 -21.50 -8.29
CA GLN A 356 10.47 -22.23 -8.01
C GLN A 356 9.65 -22.31 -9.28
N THR A 357 8.79 -23.34 -9.33
N THR A 357 8.81 -23.35 -9.36
CA THR A 357 7.81 -23.46 -10.39
CA THR A 357 7.84 -23.42 -10.44
C THR A 357 6.74 -22.38 -10.21
C THR A 357 6.79 -22.32 -10.24
N VAL A 358 6.06 -22.03 -11.31
CA VAL A 358 4.98 -21.04 -11.23
C VAL A 358 3.95 -21.47 -10.19
N ASP A 359 3.58 -22.75 -10.21
CA ASP A 359 2.56 -23.24 -9.27
C ASP A 359 3.03 -23.09 -7.83
N ALA A 360 4.26 -23.50 -7.54
CA ALA A 360 4.76 -23.40 -6.17
C ALA A 360 4.97 -21.95 -5.75
N ALA A 361 5.49 -21.12 -6.64
CA ALA A 361 5.71 -19.71 -6.30
C ALA A 361 4.39 -19.03 -5.96
N LEU A 362 3.35 -19.26 -6.77
CA LEU A 362 2.08 -18.59 -6.52
C LEU A 362 1.29 -19.22 -5.38
N ALA A 363 1.42 -20.53 -5.18
CA ALA A 363 0.82 -21.14 -3.99
C ALA A 363 1.38 -20.50 -2.73
N ALA A 364 2.70 -20.29 -2.68
CA ALA A 364 3.30 -19.62 -1.52
C ALA A 364 2.81 -18.18 -1.41
N ALA A 365 2.68 -17.48 -2.54
CA ALA A 365 2.25 -16.08 -2.48
C ALA A 365 0.81 -15.96 -2.03
N GLN A 366 -0.04 -16.88 -2.48
CA GLN A 366 -1.43 -16.93 -2.01
C GLN A 366 -1.48 -17.04 -0.49
N THR A 367 -0.66 -17.92 0.09
CA THR A 367 -0.64 -18.05 1.54
C THR A 367 -0.07 -16.79 2.20
N ASN A 368 1.03 -16.27 1.67
CA ASN A 368 1.68 -15.12 2.30
C ASN A 368 0.81 -13.87 2.23
N ALA A 369 0.06 -13.71 1.14
CA ALA A 369 -0.77 -12.52 0.99
C ALA A 369 -1.90 -12.49 2.00
N ALA A 370 -2.38 -13.65 2.42
CA ALA A 370 -3.49 -13.75 3.36
C ALA A 370 -3.02 -13.92 4.79
N ALA A 371 -1.72 -14.07 5.01
CA ALA A 371 -1.21 -14.35 6.33
C ALA A 371 -1.27 -13.09 7.20
N ALA A 372 -1.12 -13.30 8.50
CA ALA A 372 -1.19 -12.20 9.44
C ALA A 372 -0.25 -11.08 9.00
N SER A 373 -0.75 -9.85 8.99
CA SER A 373 0.06 -8.72 8.59
C SER A 373 1.16 -8.48 9.61
N GLU A 374 2.16 -7.69 9.21
CA GLU A 374 3.19 -7.30 10.15
C GLU A 374 2.60 -6.50 11.30
N PHE A 375 1.58 -5.68 11.01
CA PHE A 375 0.92 -4.92 12.07
C PHE A 375 0.25 -5.84 13.07
N GLU A 376 -0.46 -6.87 12.59
CA GLU A 376 -1.14 -7.78 13.50
C GLU A 376 -0.15 -8.53 14.36
N LYS A 377 0.92 -9.05 13.75
CA LYS A 377 1.91 -9.80 14.51
C LYS A 377 2.60 -8.93 15.56
N ALA A 378 2.97 -7.71 15.19
CA ALA A 378 3.60 -6.81 16.14
C ALA A 378 2.63 -6.44 17.26
N LYS A 379 1.37 -6.19 16.92
CA LYS A 379 0.37 -5.89 17.94
C LYS A 379 0.21 -7.06 18.91
N ILE A 380 0.08 -8.27 18.39
CA ILE A 380 -0.08 -9.44 19.25
C ILE A 380 1.11 -9.54 20.22
N ASN A 381 2.32 -9.38 19.71
CA ASN A 381 3.50 -9.48 20.57
C ASN A 381 3.48 -8.40 21.65
N ALA A 382 3.12 -7.17 21.27
CA ALA A 382 3.13 -6.06 22.23
C ALA A 382 2.03 -6.21 23.26
N VAL A 383 0.84 -6.66 22.85
CA VAL A 383 -0.21 -6.92 23.83
C VAL A 383 0.18 -8.09 24.72
N ARG A 384 0.79 -9.13 24.16
CA ARG A 384 1.19 -10.25 25.00
C ARG A 384 2.23 -9.80 26.03
N ALA A 385 3.11 -8.88 25.66
CA ALA A 385 4.09 -8.36 26.62
C ALA A 385 3.40 -7.71 27.81
N ALA A 386 2.34 -6.94 27.54
CA ALA A 386 1.57 -6.34 28.63
C ALA A 386 0.88 -7.40 29.47
N LEU A 387 0.34 -8.44 28.84
CA LEU A 387 -0.24 -9.54 29.60
C LEU A 387 0.80 -10.19 30.50
N LEU A 388 2.02 -10.38 30.01
CA LEU A 388 3.08 -10.96 30.83
C LEU A 388 3.40 -10.08 32.02
N GLU A 389 3.39 -8.76 31.84
CA GLU A 389 3.65 -7.87 32.97
C GLU A 389 2.56 -7.99 34.02
N ASN A 390 1.31 -8.10 33.59
CA ASN A 390 0.20 -8.31 34.53
C ASN A 390 0.29 -9.68 35.20
N ALA A 391 0.72 -10.70 34.46
CA ALA A 391 0.87 -12.03 35.06
C ALA A 391 1.92 -12.01 36.15
N HIS A 392 3.00 -11.25 35.95
CA HIS A 392 4.02 -11.11 36.98
C HIS A 392 3.41 -10.52 38.24
N PHE A 393 2.57 -9.50 38.09
CA PHE A 393 1.84 -8.96 39.23
C PHE A 393 0.96 -10.02 39.89
N MET A 394 0.23 -10.79 39.08
CA MET A 394 -0.65 -11.82 39.66
C MET A 394 0.13 -12.78 40.55
N GLU A 395 1.34 -13.17 40.13
CA GLU A 395 2.13 -14.10 40.93
C GLU A 395 2.71 -13.41 42.17
N LYS A 396 3.03 -12.11 42.06
CA LYS A 396 3.40 -11.34 43.24
C LYS A 396 2.24 -11.27 44.23
N PHE A 397 1.05 -10.97 43.71
CA PHE A 397 -0.14 -10.94 44.55
C PHE A 397 -0.40 -12.30 45.19
N TYR A 398 -0.20 -13.38 44.43
CA TYR A 398 -0.45 -14.71 44.98
C TYR A 398 0.47 -14.99 46.17
N LEU A 399 1.76 -14.67 46.02
CA LEU A 399 2.66 -14.90 47.13
C LEU A 399 2.25 -14.08 48.35
N GLN A 400 1.72 -12.88 48.13
CA GLN A 400 1.33 -12.02 49.25
C GLN A 400 0.05 -12.50 49.93
N ASN A 401 -0.82 -13.18 49.19
CA ASN A 401 -2.18 -13.43 49.66
C ASN A 401 -2.59 -14.90 49.67
N GLY A 402 -1.86 -15.79 49.02
CA GLY A 402 -2.22 -17.19 48.97
C GLY A 402 -3.31 -17.54 47.97
N ARG A 403 -3.71 -16.58 47.13
CA ARG A 403 -4.72 -16.78 46.11
C ARG A 403 -4.59 -15.67 45.09
N PHE A 404 -5.31 -15.82 43.98
CA PHE A 404 -5.29 -14.80 42.93
C PHE A 404 -6.40 -13.78 43.06
N LYS A 405 -7.43 -14.04 43.87
CA LYS A 405 -8.55 -13.13 44.02
C LYS A 405 -8.33 -12.21 45.21
N GLN A 406 -8.89 -11.00 45.10
CA GLN A 406 -8.86 -10.07 46.23
C GLN A 406 -9.88 -10.46 47.28
N THR A 407 -11.12 -10.69 46.86
CA THR A 407 -12.17 -11.24 47.70
C THR A 407 -12.92 -12.27 46.88
N SER A 408 -13.91 -12.92 47.51
CA SER A 408 -14.62 -13.98 46.83
C SER A 408 -15.31 -13.50 45.56
N THR A 409 -15.60 -12.20 45.47
CA THR A 409 -16.31 -11.65 44.30
C THR A 409 -15.52 -10.56 43.60
N LYS A 410 -14.22 -10.40 43.88
CA LYS A 410 -13.46 -9.28 43.36
C LYS A 410 -12.03 -9.70 43.02
N TRP A 411 -11.57 -9.38 41.78
CA TRP A 411 -10.18 -9.57 41.38
C TRP A 411 -9.33 -8.38 41.83
N PRO A 412 -8.03 -8.59 42.02
CA PRO A 412 -7.16 -7.44 42.34
C PRO A 412 -6.99 -6.51 41.15
N SER A 413 -6.69 -5.25 41.46
CA SER A 413 -6.51 -4.21 40.46
C SER A 413 -5.16 -4.41 39.77
N LEU A 414 -5.16 -4.44 38.36
CA LEU A 414 -3.96 -4.77 37.61
C LEU A 414 -3.10 -3.53 37.37
N PRO A 415 -1.78 -3.69 37.24
CA PRO A 415 -0.92 -2.52 37.00
C PRO A 415 -1.00 -1.98 35.58
N ILE A 416 -1.29 -2.82 34.60
CA ILE A 416 -1.35 -2.42 33.19
C ILE A 416 -2.77 -2.71 32.72
N LYS A 417 -3.65 -1.71 32.84
CA LYS A 417 -5.05 -1.87 32.47
C LYS A 417 -5.34 -1.51 31.02
N GLU A 418 -4.45 -0.73 30.38
CA GLU A 418 -4.54 -0.42 28.97
C GLU A 418 -3.13 -0.42 28.40
N ALA A 419 -2.99 -0.99 27.21
CA ALA A 419 -1.71 -0.99 26.51
C ALA A 419 -1.98 -1.27 25.04
N GLU A 420 -1.29 -0.55 24.17
CA GLU A 420 -1.31 -0.82 22.74
C GLU A 420 -2.71 -0.73 22.15
N GLY A 421 -3.59 0.05 22.77
CA GLY A 421 -4.95 0.17 22.28
C GLY A 421 -5.89 -0.94 22.71
N PHE A 422 -5.48 -1.74 23.69
CA PHE A 422 -6.33 -2.78 24.26
C PHE A 422 -6.53 -2.51 25.74
N CYS A 423 -7.74 -2.81 26.23
CA CYS A 423 -7.96 -2.89 27.66
C CYS A 423 -7.72 -4.33 28.11
N ILE A 424 -7.26 -4.48 29.35
CA ILE A 424 -6.87 -5.77 29.88
C ILE A 424 -7.59 -5.97 31.21
N ARG A 425 -8.21 -7.14 31.36
CA ARG A 425 -8.92 -7.49 32.58
C ARG A 425 -8.72 -8.96 32.87
N LEU A 426 -9.02 -9.34 34.10
CA LEU A 426 -9.15 -10.75 34.41
C LEU A 426 -10.42 -11.30 33.76
N ASN A 427 -10.35 -12.54 33.33
CA ASN A 427 -11.39 -13.18 32.54
C ASN A 427 -12.12 -14.19 33.40
N GLY A 428 -13.44 -14.07 33.46
CA GLY A 428 -14.25 -14.90 34.33
C GLY A 428 -14.67 -14.15 35.57
N ILE A 429 -15.91 -14.38 36.02
CA ILE A 429 -16.37 -13.77 37.25
C ILE A 429 -15.57 -14.34 38.41
N ALA A 430 -15.33 -13.51 39.42
CA ALA A 430 -14.52 -13.95 40.54
C ALA A 430 -15.25 -14.98 41.42
N ARG A 431 -16.57 -14.87 41.54
CA ARG A 431 -17.31 -15.83 42.36
C ARG A 431 -17.09 -17.25 41.84
N GLY A 432 -16.73 -18.16 42.74
CA GLY A 432 -16.49 -19.54 42.38
C GLY A 432 -15.22 -19.80 41.63
N ALA A 433 -14.49 -18.75 41.22
CA ALA A 433 -13.24 -18.96 40.52
C ALA A 433 -12.24 -19.67 41.41
N LEU A 434 -11.50 -20.61 40.85
CA LEU A 434 -10.54 -21.37 41.62
C LEU A 434 -9.38 -20.48 42.06
N ASP A 435 -8.72 -20.89 43.13
CA ASP A 435 -7.78 -20.00 43.80
C ASP A 435 -6.39 -20.01 43.16
N SER A 436 -5.99 -21.10 42.52
CA SER A 436 -4.65 -21.20 41.96
C SER A 436 -4.64 -21.12 40.45
N LYS A 437 -5.66 -20.53 39.85
CA LYS A 437 -5.71 -20.31 38.41
C LYS A 437 -6.20 -18.89 38.11
N PHE A 438 -5.78 -18.38 36.96
CA PHE A 438 -6.35 -17.13 36.47
C PHE A 438 -6.22 -17.07 34.96
N MET A 439 -7.00 -16.17 34.38
N MET A 439 -7.05 -16.23 34.36
CA MET A 439 -6.99 -15.90 32.95
CA MET A 439 -6.95 -15.90 32.95
C MET A 439 -7.04 -14.40 32.75
C MET A 439 -6.99 -14.39 32.79
N LEU A 440 -6.11 -13.88 31.95
CA LEU A 440 -6.11 -12.49 31.55
C LEU A 440 -6.63 -12.41 30.13
N LYS A 441 -7.37 -11.36 29.81
CA LYS A 441 -7.93 -11.19 28.49
C LYS A 441 -7.79 -9.74 28.07
N ALA A 442 -7.31 -9.53 26.85
CA ALA A 442 -7.13 -8.21 26.28
C ALA A 442 -8.09 -8.05 25.12
N VAL A 443 -8.83 -6.93 25.12
CA VAL A 443 -9.83 -6.62 24.11
C VAL A 443 -9.50 -5.25 23.53
N ALA A 444 -9.73 -5.09 22.24
CA ALA A 444 -9.36 -3.85 21.56
C ALA A 444 -10.34 -2.74 21.89
N ILE A 445 -9.81 -1.53 22.12
CA ILE A 445 -10.67 -0.36 22.25
C ILE A 445 -11.30 -0.02 20.90
N ASP A 446 -10.55 -0.20 19.82
CA ASP A 446 -11.05 0.01 18.46
C ASP A 446 -11.01 -1.35 17.76
N LYS A 447 -12.16 -2.01 17.71
CA LYS A 447 -12.25 -3.38 17.25
C LYS A 447 -12.25 -3.49 15.72
N ASP A 448 -12.45 -2.38 15.00
CA ASP A 448 -12.26 -2.40 13.56
C ASP A 448 -10.78 -2.35 13.21
N LYS A 449 -9.98 -1.65 14.01
CA LYS A 449 -8.54 -1.54 13.80
C LYS A 449 -7.80 -2.78 14.28
N ASN A 450 -8.30 -3.43 15.31
CA ASN A 450 -7.64 -4.58 15.94
C ASN A 450 -8.68 -5.66 16.18
N PRO A 451 -9.04 -6.41 15.17
CA PRO A 451 -10.21 -7.31 15.26
C PRO A 451 -9.89 -8.68 15.85
N PHE A 452 -9.41 -8.69 17.09
CA PHE A 452 -9.11 -9.95 17.77
C PHE A 452 -8.94 -9.67 19.25
N ILE A 453 -9.06 -10.73 20.04
CA ILE A 453 -8.77 -10.67 21.47
C ILE A 453 -7.66 -11.65 21.76
N ILE A 454 -7.02 -11.46 22.91
CA ILE A 454 -5.90 -12.29 23.34
C ILE A 454 -6.13 -12.69 24.79
N LYS A 455 -5.99 -13.98 25.08
CA LYS A 455 -6.14 -14.46 26.44
C LYS A 455 -4.97 -15.35 26.83
N MET A 456 -4.69 -15.39 28.13
CA MET A 456 -3.52 -16.06 28.65
C MET A 456 -3.83 -16.57 30.05
N ASN A 457 -3.35 -17.77 30.36
CA ASN A 457 -3.58 -18.36 31.67
C ASN A 457 -2.35 -18.21 32.55
N GLU A 458 -2.42 -18.80 33.75
CA GLU A 458 -1.40 -18.58 34.76
C GLU A 458 -0.05 -19.18 34.37
N ASN A 459 -0.02 -20.12 33.43
CA ASN A 459 1.25 -20.63 32.94
C ASN A 459 1.57 -20.11 31.55
N LEU A 460 0.93 -19.02 31.16
CA LEU A 460 1.30 -18.16 30.04
C LEU A 460 0.88 -18.74 28.70
N VAL A 461 0.11 -19.82 28.70
CA VAL A 461 -0.43 -20.34 27.44
C VAL A 461 -1.42 -19.33 26.89
N THR A 462 -1.23 -18.96 25.63
CA THR A 462 -1.89 -17.80 25.03
C THR A 462 -2.67 -18.21 23.80
N PHE A 463 -3.89 -17.70 23.68
CA PHE A 463 -4.73 -17.90 22.51
C PHE A 463 -5.18 -16.56 21.94
N ILE A 464 -5.23 -16.48 20.61
CA ILE A 464 -5.74 -15.34 19.88
C ILE A 464 -7.08 -15.76 19.27
N CYS A 465 -8.13 -14.98 19.53
CA CYS A 465 -9.47 -15.29 19.05
C CYS A 465 -9.98 -14.14 18.20
N LYS A 466 -10.57 -14.45 17.05
CA LYS A 466 -11.02 -13.44 16.11
C LYS A 466 -12.46 -13.00 16.34
N LYS A 467 -13.22 -13.72 17.16
CA LYS A 467 -14.65 -13.43 17.37
C LYS A 467 -14.93 -13.33 18.85
N SER A 468 -15.28 -12.13 19.31
CA SER A 468 -15.64 -11.92 20.70
C SER A 468 -16.58 -10.72 20.78
N ALA A 469 -17.60 -10.84 21.63
CA ALA A 469 -18.54 -9.75 21.88
C ALA A 469 -18.10 -8.84 23.01
N SER A 470 -16.95 -9.11 23.64
CA SER A 470 -16.51 -8.30 24.76
C SER A 470 -16.24 -6.87 24.30
N SER A 471 -16.41 -5.93 25.22
CA SER A 471 -16.24 -4.51 24.92
C SER A 471 -15.57 -3.82 26.10
N CYS A 472 -14.57 -3.00 25.80
CA CYS A 472 -13.87 -2.23 26.83
C CYS A 472 -14.75 -1.17 27.47
N SER A 473 -15.90 -0.86 26.88
CA SER A 473 -16.77 0.21 27.37
C SER A 473 -17.98 -0.31 28.13
N ASP A 474 -18.00 -1.59 28.50
CA ASP A 474 -19.17 -2.18 29.13
C ASP A 474 -19.31 -1.83 30.61
N GLY A 475 -18.34 -1.12 31.19
CA GLY A 475 -18.48 -0.63 32.55
C GLY A 475 -18.17 -1.62 33.64
N LEU A 476 -17.63 -2.79 33.32
CA LEU A 476 -17.33 -3.82 34.30
C LEU A 476 -15.83 -3.92 34.53
N ASP A 477 -15.46 -4.62 35.60
CA ASP A 477 -14.07 -4.76 36.01
C ASP A 477 -13.45 -6.07 35.56
N TYR A 478 -14.23 -6.94 34.92
CA TYR A 478 -13.79 -8.24 34.46
C TYR A 478 -14.43 -8.48 33.10
N PHE A 479 -13.95 -9.50 32.39
CA PHE A 479 -14.64 -9.98 31.20
C PHE A 479 -15.31 -11.32 31.51
N LYS A 480 -16.38 -11.61 30.78
CA LYS A 480 -16.98 -12.94 30.82
C LYS A 480 -17.64 -13.23 29.48
N GLY A 481 -17.78 -14.52 29.19
CA GLY A 481 -18.33 -15.00 27.94
C GLY A 481 -17.28 -15.70 27.09
N ASN A 482 -17.76 -16.48 26.13
CA ASN A 482 -16.91 -17.33 25.32
C ASN A 482 -16.48 -16.61 24.05
N ASP A 483 -15.28 -16.93 23.59
CA ASP A 483 -14.71 -16.38 22.37
C ASP A 483 -14.73 -17.44 21.29
N LYS A 484 -14.69 -17.00 20.04
CA LYS A 484 -14.73 -17.91 18.91
C LYS A 484 -13.58 -17.63 17.94
N ASP A 485 -13.31 -18.63 17.11
CA ASP A 485 -12.22 -18.58 16.14
C ASP A 485 -10.88 -18.32 16.86
N CYS A 486 -10.59 -19.20 17.81
CA CYS A 486 -9.40 -19.10 18.65
C CYS A 486 -8.30 -20.01 18.12
N LYS A 487 -7.07 -19.54 18.29
CA LYS A 487 -5.90 -20.28 17.82
C LYS A 487 -4.75 -20.04 18.79
N LEU A 488 -4.00 -21.10 19.06
CA LEU A 488 -2.83 -21.02 19.91
C LEU A 488 -1.82 -20.02 19.37
N PHE A 489 -1.26 -19.21 20.27
CA PHE A 489 -0.12 -18.36 19.95
C PHE A 489 1.16 -19.18 20.07
N LYS A 490 1.99 -19.13 19.03
CA LYS A 490 3.29 -19.80 19.05
C LYS A 490 4.42 -18.80 18.85
#